data_7HO3
#
_entry.id   7HO3
#
_cell.length_a   95.428
_cell.length_b   95.428
_cell.length_c   45.683
_cell.angle_alpha   90.000
_cell.angle_beta   90.000
_cell.angle_gamma   90.000
#
_symmetry.space_group_name_H-M   'I 4'
#
loop_
_entity.id
_entity.type
_entity.pdbx_description
1 polymer 'E3 ubiquitin-protein ligase TRIM21'
2 non-polymer N-[(3S)-1-propanoylpiperidin-3-yl]methanesulfonamide
3 non-polymer 1,2-ETHANEDIOL
4 non-polymer 'SULFATE ION'
5 water water
#
_entity_poly.entity_id   1
_entity_poly.type   'polypeptide(L)'
_entity_poly.pdbx_seq_one_letter_code
;MHHHHHHMVHITLDRNTANSWLIISKDRRQVRMGDTHQNVSDNKERFSNYPMVLGAQRFSSGKMYWEVDVTQKEAWDLGV
CRDSVQRKGQFSLSPENGFWTIWLWQDSYEAGTSPQTTLHIQVPPCQIGIFVDYEAGVVSFYNITDHGSLIYTFSECVFA
GPLRPFFNVGFNYSGGNAAPLKLCPLKM
;
_entity_poly.pdbx_strand_id   B
#
loop_
_chem_comp.id
_chem_comp.type
_chem_comp.name
_chem_comp.formula
A1BF0 non-polymer N-[(3S)-1-propanoylpiperidin-3-yl]methanesulfonamide 'C9 H18 N2 O3 S'
EDO non-polymer 1,2-ETHANEDIOL 'C2 H6 O2'
SO4 non-polymer 'SULFATE ION' 'O4 S -2'
#
# COMPACT_ATOMS: atom_id res chain seq x y z
N HIS A 2 1.26 19.35 5.45
CA HIS A 2 2.67 18.81 5.38
C HIS A 2 3.42 19.47 4.22
N HIS A 3 4.75 19.46 4.28
CA HIS A 3 5.67 20.00 3.24
C HIS A 3 6.60 18.88 2.74
N HIS A 4 6.08 17.66 2.51
CA HIS A 4 6.84 16.43 2.12
C HIS A 4 6.85 16.25 0.59
N HIS A 5 6.01 17.02 -0.13
CA HIS A 5 5.77 16.87 -1.59
C HIS A 5 7.08 16.86 -2.40
N HIS A 6 8.11 17.63 -1.98
CA HIS A 6 9.41 17.73 -2.69
C HIS A 6 10.22 16.43 -2.64
N HIS A 7 9.87 15.44 -1.80
CA HIS A 7 10.54 14.11 -1.76
C HIS A 7 9.79 13.13 -2.66
N MET A 8 8.98 13.65 -3.58
CA MET A 8 8.14 12.83 -4.48
C MET A 8 9.05 11.87 -5.25
N VAL A 9 8.63 10.62 -5.36
CA VAL A 9 9.31 9.56 -6.13
C VAL A 9 8.28 8.96 -7.10
N HIS A 10 8.75 8.53 -8.24
CA HIS A 10 7.90 7.94 -9.31
C HIS A 10 7.83 6.42 -9.10
N ILE A 11 6.73 5.94 -8.54
CA ILE A 11 6.58 4.51 -8.20
C ILE A 11 5.95 3.78 -9.41
N THR A 12 6.44 2.59 -9.68
CA THR A 12 5.83 1.67 -10.68
C THR A 12 5.61 0.33 -10.01
N LEU A 13 4.58 -0.38 -10.49
CA LEU A 13 4.25 -1.69 -9.91
C LEU A 13 5.07 -2.82 -10.52
N ASP A 14 5.44 -3.80 -9.75
CA ASP A 14 6.23 -4.97 -10.14
C ASP A 14 5.26 -6.16 -10.42
N ARG A 15 4.98 -6.40 -11.70
N ARG A 15 4.97 -6.42 -11.69
CA ARG A 15 4.09 -7.48 -12.21
CA ARG A 15 4.02 -7.47 -12.13
C ARG A 15 4.43 -8.82 -11.57
C ARG A 15 4.43 -8.83 -11.60
N ASN A 16 5.72 -9.09 -11.38
CA ASN A 16 6.19 -10.42 -10.93
C ASN A 16 5.72 -10.73 -9.50
N THR A 17 5.45 -9.68 -8.69
CA THR A 17 5.02 -9.84 -7.31
C THR A 17 3.51 -9.96 -7.19
N ALA A 18 2.78 -9.64 -8.26
CA ALA A 18 1.29 -9.51 -8.18
C ALA A 18 0.63 -10.86 -7.96
N ASN A 19 -0.40 -10.90 -7.14
CA ASN A 19 -1.39 -11.99 -7.18
C ASN A 19 -1.78 -12.18 -8.65
N SER A 20 -2.03 -13.44 -9.00
CA SER A 20 -2.28 -13.88 -10.39
C SER A 20 -3.63 -13.37 -10.92
N TRP A 21 -4.52 -12.81 -10.10
CA TRP A 21 -5.79 -12.22 -10.56
C TRP A 21 -5.66 -10.74 -10.86
N LEU A 22 -4.49 -10.12 -10.58
CA LEU A 22 -4.40 -8.66 -10.74
C LEU A 22 -4.08 -8.32 -12.20
N ILE A 23 -4.63 -7.17 -12.60
CA ILE A 23 -4.35 -6.55 -13.93
C ILE A 23 -3.65 -5.23 -13.66
N ILE A 24 -2.40 -5.17 -14.11
CA ILE A 24 -1.54 -3.96 -13.98
C ILE A 24 -1.53 -3.26 -15.33
N SER A 25 -1.75 -1.96 -15.37
CA SER A 25 -1.81 -1.19 -16.62
C SER A 25 -0.43 -1.20 -17.32
N LYS A 26 -0.43 -0.92 -18.62
CA LYS A 26 0.79 -0.87 -19.44
C LYS A 26 1.86 0.06 -18.83
N ASP A 27 1.41 1.21 -18.28
CA ASP A 27 2.33 2.22 -17.68
C ASP A 27 2.79 1.76 -16.29
N ARG A 28 2.29 0.65 -15.77
CA ARG A 28 2.66 0.09 -14.45
C ARG A 28 2.28 1.10 -13.33
N ARG A 29 1.27 1.93 -13.54
CA ARG A 29 0.81 2.92 -12.53
C ARG A 29 -0.55 2.61 -11.97
N GLN A 30 -1.32 1.63 -12.50
CA GLN A 30 -2.67 1.28 -12.03
C GLN A 30 -2.78 -0.23 -11.88
N VAL A 31 -3.59 -0.63 -10.89
CA VAL A 31 -3.83 -2.06 -10.65
C VAL A 31 -5.28 -2.26 -10.24
N ARG A 32 -5.90 -3.31 -10.75
CA ARG A 32 -7.26 -3.69 -10.32
C ARG A 32 -7.36 -5.22 -10.29
N MET A 33 -8.34 -5.72 -9.56
CA MET A 33 -8.57 -7.19 -9.57
C MET A 33 -9.37 -7.54 -10.82
N GLY A 34 -8.90 -8.55 -11.52
CA GLY A 34 -9.59 -9.15 -12.68
C GLY A 34 -10.70 -10.07 -12.22
N ASP A 35 -11.50 -10.49 -13.20
CA ASP A 35 -12.65 -11.38 -12.89
C ASP A 35 -12.20 -12.84 -12.75
N THR A 36 -11.00 -13.13 -13.14
CA THR A 36 -10.47 -14.53 -13.18
C THR A 36 -8.96 -14.46 -13.06
N HIS A 37 -8.31 -15.61 -12.96
CA HIS A 37 -6.85 -15.74 -13.14
C HIS A 37 -6.39 -15.07 -14.41
N GLN A 38 -5.32 -14.27 -14.38
CA GLN A 38 -4.90 -13.45 -15.52
C GLN A 38 -3.83 -14.13 -16.39
N ASN A 39 -3.75 -15.47 -16.34
CA ASN A 39 -3.03 -16.25 -17.40
C ASN A 39 -1.52 -16.06 -17.34
N VAL A 40 -1.00 -15.91 -16.13
CA VAL A 40 0.44 -15.78 -15.86
C VAL A 40 0.95 -17.06 -15.17
N SER A 41 2.24 -17.42 -15.29
CA SER A 41 2.78 -18.50 -14.47
C SER A 41 2.91 -18.13 -13.00
N ASP A 42 2.94 -19.13 -12.13
CA ASP A 42 3.19 -18.95 -10.70
C ASP A 42 4.69 -18.78 -10.46
N ASN A 43 5.03 -18.07 -9.38
CA ASN A 43 6.45 -17.86 -8.99
C ASN A 43 6.47 -17.59 -7.49
N LYS A 44 7.64 -17.65 -6.86
CA LYS A 44 7.71 -17.58 -5.39
C LYS A 44 7.52 -16.13 -4.90
N GLU A 45 7.56 -15.14 -5.78
CA GLU A 45 7.33 -13.71 -5.40
C GLU A 45 5.82 -13.41 -5.25
N ARG A 46 4.95 -14.12 -5.94
CA ARG A 46 3.53 -13.68 -6.01
C ARG A 46 2.81 -13.83 -4.67
N PHE A 47 2.08 -12.81 -4.22
CA PHE A 47 1.17 -13.00 -3.08
C PHE A 47 0.07 -14.00 -3.48
N SER A 48 -0.10 -15.08 -2.74
CA SER A 48 -1.04 -16.15 -3.13
C SER A 48 -2.43 -15.94 -2.59
N ASN A 49 -2.60 -15.43 -1.39
CA ASN A 49 -3.89 -15.51 -0.66
C ASN A 49 -4.70 -14.24 -0.82
N TYR A 50 -4.03 -13.12 -1.22
CA TYR A 50 -4.67 -11.80 -1.16
C TYR A 50 -4.31 -11.03 -2.44
N PRO A 51 -5.14 -10.02 -2.82
CA PRO A 51 -4.91 -9.27 -4.06
C PRO A 51 -3.86 -8.14 -3.95
N MET A 52 -2.65 -8.57 -3.58
CA MET A 52 -1.52 -7.68 -3.24
C MET A 52 -0.48 -7.64 -4.35
N VAL A 53 0.26 -6.53 -4.37
CA VAL A 53 1.38 -6.30 -5.32
C VAL A 53 2.35 -5.31 -4.67
N LEU A 54 3.62 -5.41 -5.05
CA LEU A 54 4.66 -4.45 -4.60
C LEU A 54 5.02 -3.47 -5.68
N GLY A 55 5.52 -2.31 -5.26
CA GLY A 55 6.26 -1.41 -6.18
C GLY A 55 7.61 -2.01 -6.54
N ALA A 56 8.14 -1.65 -7.69
CA ALA A 56 9.46 -2.14 -8.15
C ALA A 56 10.60 -1.49 -7.33
N GLN A 57 10.36 -0.29 -6.85
CA GLN A 57 11.45 0.50 -6.19
C GLN A 57 11.76 -0.11 -4.82
N ARG A 58 13.05 -0.14 -4.43
CA ARG A 58 13.50 -0.53 -3.10
C ARG A 58 14.18 0.67 -2.46
N PHE A 59 13.85 0.94 -1.20
CA PHE A 59 14.38 2.12 -0.47
C PHE A 59 15.10 1.63 0.75
N SER A 60 16.35 2.10 0.96
N SER A 60 16.36 2.07 0.94
CA SER A 60 17.19 1.69 2.12
CA SER A 60 17.22 1.72 2.10
C SER A 60 17.74 2.93 2.86
C SER A 60 17.82 2.96 2.75
N SER A 61 17.44 4.13 2.36
N SER A 61 17.30 4.14 2.44
CA SER A 61 17.85 5.41 2.98
CA SER A 61 17.82 5.42 2.96
C SER A 61 16.91 6.53 2.53
C SER A 61 16.97 6.57 2.45
N GLY A 62 17.01 7.70 3.16
CA GLY A 62 16.39 8.94 2.67
C GLY A 62 14.91 9.05 2.95
N LYS A 63 14.36 10.09 2.33
CA LYS A 63 12.97 10.50 2.46
C LYS A 63 12.33 10.28 1.11
N MET A 64 11.14 9.69 1.12
CA MET A 64 10.35 9.34 -0.08
C MET A 64 8.89 9.69 0.14
N TYR A 65 8.19 10.12 -0.89
CA TYR A 65 6.76 10.51 -0.83
C TYR A 65 6.09 10.07 -2.12
N TRP A 66 4.91 9.48 -2.00
CA TRP A 66 4.07 9.24 -3.19
C TRP A 66 2.58 9.32 -2.82
N GLU A 67 1.72 9.32 -3.84
CA GLU A 67 0.26 9.46 -3.64
C GLU A 67 -0.48 8.38 -4.42
N VAL A 68 -1.56 7.90 -3.83
CA VAL A 68 -2.40 6.84 -4.39
C VAL A 68 -3.87 7.26 -4.42
N ASP A 69 -4.52 7.06 -5.56
CA ASP A 69 -5.97 7.33 -5.73
C ASP A 69 -6.75 6.10 -5.33
N VAL A 70 -7.69 6.24 -4.42
CA VAL A 70 -8.58 5.17 -3.88
C VAL A 70 -10.07 5.43 -4.18
N THR A 71 -10.36 6.34 -5.12
CA THR A 71 -11.74 6.75 -5.45
C THR A 71 -12.61 5.51 -5.68
N GLN A 72 -13.77 5.56 -5.04
CA GLN A 72 -14.93 4.64 -5.12
C GLN A 72 -14.58 3.25 -4.58
N LYS A 73 -13.43 3.00 -3.99
CA LYS A 73 -13.20 1.66 -3.41
C LYS A 73 -13.82 1.48 -2.01
N GLU A 74 -14.27 0.29 -1.72
CA GLU A 74 -14.84 -0.08 -0.41
C GLU A 74 -13.79 -0.73 0.51
N ALA A 75 -12.68 -1.22 -0.05
CA ALA A 75 -11.67 -1.95 0.73
C ALA A 75 -10.32 -1.85 0.02
N TRP A 76 -9.24 -1.70 0.78
CA TRP A 76 -7.85 -1.59 0.26
C TRP A 76 -6.91 -1.52 1.45
N ASP A 77 -5.65 -1.89 1.22
CA ASP A 77 -4.54 -1.68 2.19
C ASP A 77 -3.46 -0.90 1.43
N LEU A 78 -2.77 0.03 2.08
CA LEU A 78 -1.66 0.79 1.48
C LEU A 78 -0.57 1.00 2.51
N GLY A 79 0.67 1.03 2.04
CA GLY A 79 1.79 1.52 2.87
C GLY A 79 3.11 1.05 2.29
N VAL A 80 4.02 0.57 3.14
N VAL A 80 3.93 0.45 3.12
CA VAL A 80 5.32 -0.04 2.76
CA VAL A 80 5.29 0.02 2.73
C VAL A 80 5.48 -1.37 3.48
C VAL A 80 5.61 -1.26 3.52
N CYS A 81 6.39 -2.18 2.97
CA CYS A 81 6.76 -3.43 3.64
C CYS A 81 8.21 -3.77 3.39
N ARG A 82 8.75 -4.65 4.22
N ARG A 82 8.76 -4.64 4.23
CA ARG A 82 10.09 -5.20 3.96
CA ARG A 82 10.13 -5.17 4.04
C ARG A 82 10.11 -5.95 2.63
C ARG A 82 10.16 -6.03 2.75
N ASP A 83 11.25 -5.96 1.97
CA ASP A 83 11.37 -6.77 0.74
C ASP A 83 11.19 -8.24 1.11
N SER A 84 11.50 -8.69 2.33
CA SER A 84 11.49 -10.12 2.71
C SER A 84 10.15 -10.61 3.29
N VAL A 85 9.06 -9.83 3.21
CA VAL A 85 7.78 -10.31 3.77
C VAL A 85 7.36 -11.64 3.15
N GLN A 86 6.68 -12.42 3.95
CA GLN A 86 5.99 -13.67 3.51
C GLN A 86 5.07 -13.36 2.30
N ARG A 87 5.06 -14.24 1.31
CA ARG A 87 4.21 -14.11 0.10
C ARG A 87 3.09 -15.16 0.11
N LYS A 88 3.31 -16.34 0.70
CA LYS A 88 2.36 -17.48 0.59
C LYS A 88 1.60 -17.73 1.88
N GLY A 89 0.35 -18.12 1.77
CA GLY A 89 -0.46 -18.43 2.94
C GLY A 89 -1.06 -17.23 3.61
N GLN A 90 -1.59 -17.43 4.81
CA GLN A 90 -2.31 -16.40 5.58
C GLN A 90 -1.34 -15.69 6.52
N PHE A 91 -1.50 -14.40 6.64
CA PHE A 91 -0.71 -13.57 7.58
C PHE A 91 -1.46 -12.30 7.88
N SER A 92 -1.14 -11.67 9.01
N SER A 92 -1.10 -11.68 9.01
CA SER A 92 -1.70 -10.35 9.39
CA SER A 92 -1.61 -10.37 9.45
C SER A 92 -0.70 -9.26 8.99
C SER A 92 -0.68 -9.26 8.92
N LEU A 93 -1.25 -8.10 8.62
CA LEU A 93 -0.47 -6.89 8.36
C LEU A 93 -0.11 -6.25 9.68
N SER A 94 1.17 -6.33 10.07
CA SER A 94 1.68 -5.78 11.33
C SER A 94 3.15 -5.46 11.15
N PRO A 95 3.67 -4.53 11.95
CA PRO A 95 5.11 -4.27 11.94
C PRO A 95 5.93 -5.54 12.29
N GLU A 96 5.42 -6.37 13.19
CA GLU A 96 6.17 -7.62 13.54
C GLU A 96 6.34 -8.51 12.30
N ASN A 97 5.41 -8.47 11.35
CA ASN A 97 5.50 -9.23 10.07
C ASN A 97 6.12 -8.42 8.95
N GLY A 98 6.59 -7.20 9.22
CA GLY A 98 7.28 -6.40 8.18
C GLY A 98 6.40 -5.46 7.37
N PHE A 99 5.22 -5.05 7.90
CA PHE A 99 4.32 -4.16 7.16
C PHE A 99 4.01 -2.89 7.97
N TRP A 100 3.94 -1.74 7.30
CA TRP A 100 3.54 -0.44 7.88
C TRP A 100 2.45 0.11 6.99
N THR A 101 1.20 -0.15 7.39
CA THR A 101 0.06 0.02 6.49
C THR A 101 -1.14 0.62 7.22
N ILE A 102 -2.04 1.20 6.41
CA ILE A 102 -3.43 1.55 6.84
C ILE A 102 -4.38 0.85 5.87
N TRP A 103 -5.64 0.83 6.26
CA TRP A 103 -6.66 0.20 5.40
C TRP A 103 -8.03 0.79 5.62
N LEU A 104 -8.87 0.54 4.58
CA LEU A 104 -10.31 0.73 4.66
C LEU A 104 -10.95 -0.64 4.64
N TRP A 105 -11.94 -0.89 5.53
CA TRP A 105 -12.67 -2.16 5.54
C TRP A 105 -14.00 -1.95 6.23
N GLN A 106 -15.12 -2.28 5.57
CA GLN A 106 -16.46 -2.20 6.23
C GLN A 106 -16.64 -0.83 6.83
N ASP A 107 -16.43 0.20 6.05
CA ASP A 107 -16.77 1.59 6.39
C ASP A 107 -15.94 2.13 7.57
N SER A 108 -14.87 1.47 7.98
CA SER A 108 -13.90 2.05 8.96
C SER A 108 -12.47 2.02 8.44
N TYR A 109 -11.71 3.00 8.84
CA TYR A 109 -10.26 3.12 8.52
C TYR A 109 -9.48 2.71 9.75
N GLU A 110 -8.43 1.91 9.56
N GLU A 110 -8.45 1.89 9.56
CA GLU A 110 -7.60 1.39 10.69
CA GLU A 110 -7.60 1.33 10.64
C GLU A 110 -6.13 1.33 10.28
C GLU A 110 -6.12 1.48 10.25
N ALA A 111 -5.23 1.56 11.25
CA ALA A 111 -3.79 1.37 11.04
C ALA A 111 -3.46 -0.08 11.41
N GLY A 112 -2.59 -0.67 10.60
CA GLY A 112 -2.13 -2.06 10.71
C GLY A 112 -1.13 -2.26 11.84
N THR A 113 -1.47 -1.85 13.05
CA THR A 113 -0.74 -2.26 14.28
C THR A 113 -1.28 -3.61 14.74
N SER A 114 -0.66 -4.19 15.77
CA SER A 114 -1.16 -5.46 16.35
C SER A 114 -1.45 -5.26 17.85
N PRO A 115 -2.71 -5.18 18.29
CA PRO A 115 -3.88 -5.17 17.42
C PRO A 115 -4.09 -3.84 16.69
N GLN A 116 -4.98 -3.85 15.71
CA GLN A 116 -5.23 -2.68 14.83
C GLN A 116 -5.72 -1.46 15.63
N THR A 117 -5.46 -0.27 15.09
CA THR A 117 -5.78 1.01 15.71
C THR A 117 -6.85 1.71 14.88
N THR A 118 -7.93 2.13 15.50
CA THR A 118 -8.97 2.96 14.87
C THR A 118 -8.43 4.30 14.42
N LEU A 119 -8.72 4.73 13.18
CA LEU A 119 -8.33 6.04 12.63
C LEU A 119 -9.57 6.95 12.72
N HIS A 120 -9.36 8.25 12.81
CA HIS A 120 -10.42 9.28 12.97
C HIS A 120 -10.36 10.12 11.72
N ILE A 121 -11.13 9.80 10.71
CA ILE A 121 -11.13 10.53 9.42
C ILE A 121 -12.53 11.16 9.24
N GLN A 122 -12.60 12.49 9.20
CA GLN A 122 -13.91 13.20 9.02
C GLN A 122 -14.26 13.26 7.52
N VAL A 123 -13.27 13.36 6.65
CA VAL A 123 -13.49 13.50 5.17
C VAL A 123 -12.95 12.24 4.47
N PRO A 124 -13.79 11.28 4.02
CA PRO A 124 -13.28 10.05 3.41
C PRO A 124 -12.33 10.40 2.29
N PRO A 125 -11.07 9.93 2.32
CA PRO A 125 -10.11 10.30 1.30
C PRO A 125 -10.37 9.69 -0.06
N CYS A 126 -10.11 10.45 -1.10
CA CYS A 126 -10.04 9.93 -2.49
C CYS A 126 -8.59 9.73 -2.91
N GLN A 127 -7.63 10.44 -2.29
N GLN A 127 -7.67 10.35 -2.16
CA GLN A 127 -6.18 10.20 -2.53
CA GLN A 127 -6.23 10.30 -2.44
C GLN A 127 -5.44 10.29 -1.19
C GLN A 127 -5.51 10.23 -1.09
N ILE A 128 -4.48 9.37 -1.03
CA ILE A 128 -3.68 9.12 0.20
C ILE A 128 -2.23 9.47 -0.17
N GLY A 129 -1.56 10.28 0.66
CA GLY A 129 -0.12 10.50 0.56
C GLY A 129 0.62 9.67 1.58
N ILE A 130 1.71 9.05 1.16
CA ILE A 130 2.55 8.17 2.00
C ILE A 130 3.97 8.75 2.03
N PHE A 131 4.45 8.98 3.23
CA PHE A 131 5.80 9.56 3.46
C PHE A 131 6.60 8.55 4.27
N VAL A 132 7.83 8.27 3.82
CA VAL A 132 8.77 7.40 4.55
C VAL A 132 10.06 8.18 4.81
N ASP A 133 10.45 8.23 6.08
CA ASP A 133 11.81 8.71 6.45
C ASP A 133 12.57 7.50 6.99
N TYR A 134 13.48 6.95 6.17
CA TYR A 134 14.16 5.69 6.53
C TYR A 134 15.01 5.86 7.81
N GLU A 135 15.81 6.91 7.82
CA GLU A 135 16.75 7.10 8.95
C GLU A 135 15.97 7.37 10.21
N ALA A 136 14.92 8.19 10.19
CA ALA A 136 14.13 8.50 11.38
C ALA A 136 13.25 7.31 11.82
N GLY A 137 13.01 6.30 10.99
CA GLY A 137 12.09 5.23 11.33
C GLY A 137 10.64 5.68 11.37
N VAL A 138 10.20 6.42 10.35
CA VAL A 138 8.84 7.01 10.30
C VAL A 138 8.15 6.62 9.00
N VAL A 139 6.88 6.23 9.14
CA VAL A 139 5.92 6.13 8.00
C VAL A 139 4.66 6.92 8.32
N SER A 140 4.32 7.92 7.52
CA SER A 140 3.15 8.77 7.77
C SER A 140 2.23 8.77 6.56
N PHE A 141 0.96 8.89 6.87
CA PHE A 141 -0.16 8.87 5.91
C PHE A 141 -0.92 10.18 6.00
N TYR A 142 -1.27 10.71 4.84
CA TYR A 142 -1.90 12.04 4.70
C TYR A 142 -3.18 11.95 3.86
N ASN A 143 -4.18 12.76 4.21
CA ASN A 143 -5.48 12.80 3.51
C ASN A 143 -5.42 13.94 2.48
N ILE A 144 -5.18 13.64 1.21
CA ILE A 144 -4.94 14.70 0.20
C ILE A 144 -6.27 15.40 -0.05
N THR A 145 -7.39 14.70 0.06
CA THR A 145 -8.76 15.28 -0.13
C THR A 145 -9.01 16.35 0.92
N ASP A 146 -8.54 16.16 2.14
CA ASP A 146 -8.69 17.14 3.27
C ASP A 146 -7.42 17.99 3.49
N HIS A 147 -6.90 18.62 2.46
CA HIS A 147 -5.81 19.65 2.57
C HIS A 147 -4.58 18.99 3.21
N GLY A 148 -4.39 17.69 3.00
CA GLY A 148 -3.15 17.03 3.45
C GLY A 148 -3.14 16.71 4.93
N SER A 149 -4.27 16.62 5.57
CA SER A 149 -4.30 16.43 7.04
C SER A 149 -3.69 15.09 7.42
N LEU A 150 -3.08 14.98 8.57
CA LEU A 150 -2.46 13.70 9.01
C LEU A 150 -3.53 12.67 9.32
N ILE A 151 -3.31 11.45 8.82
CA ILE A 151 -4.10 10.28 9.15
C ILE A 151 -3.44 9.45 10.25
N TYR A 152 -2.15 9.15 10.10
CA TYR A 152 -1.49 8.21 11.06
C TYR A 152 0.02 8.32 10.85
N THR A 153 0.80 8.22 11.92
CA THR A 153 2.27 8.13 11.91
C THR A 153 2.68 6.89 12.70
N PHE A 154 3.36 5.96 12.01
CA PHE A 154 4.19 4.89 12.66
C PHE A 154 5.55 5.52 12.96
N SER A 155 5.91 5.53 14.23
CA SER A 155 7.27 5.96 14.58
C SER A 155 8.00 4.83 15.31
N GLU A 156 9.30 5.01 15.53
CA GLU A 156 10.13 3.94 16.14
C GLU A 156 10.04 2.69 15.28
N CYS A 157 9.96 2.88 13.96
CA CYS A 157 9.84 1.71 13.05
C CYS A 157 11.17 0.94 13.03
N VAL A 158 11.11 -0.37 13.00
CA VAL A 158 12.33 -1.20 12.88
C VAL A 158 12.23 -1.85 11.50
N PHE A 159 12.67 -1.17 10.44
CA PHE A 159 12.46 -1.64 9.06
C PHE A 159 13.17 -2.97 8.87
N ALA A 160 14.44 -3.03 9.26
CA ALA A 160 15.22 -4.29 9.30
C ALA A 160 15.48 -4.82 7.88
N GLY A 161 15.47 -3.98 6.87
CA GLY A 161 15.72 -4.35 5.48
C GLY A 161 15.28 -3.28 4.51
N PRO A 162 15.50 -3.50 3.23
CA PRO A 162 15.00 -2.60 2.21
C PRO A 162 13.47 -2.59 2.27
N LEU A 163 12.92 -1.45 1.91
CA LEU A 163 11.43 -1.26 1.89
C LEU A 163 10.95 -1.24 0.45
N ARG A 164 9.74 -1.76 0.25
CA ARG A 164 9.00 -1.65 -1.02
C ARG A 164 7.63 -1.03 -0.81
N PRO A 165 7.14 -0.17 -1.74
CA PRO A 165 5.75 0.28 -1.70
C PRO A 165 4.85 -0.95 -1.75
N PHE A 166 3.77 -0.91 -0.96
CA PHE A 166 2.86 -2.08 -0.78
C PHE A 166 1.42 -1.65 -1.10
N PHE A 167 0.69 -2.55 -1.79
CA PHE A 167 -0.69 -2.27 -2.25
C PHE A 167 -1.52 -3.53 -2.08
N ASN A 168 -2.78 -3.35 -1.71
CA ASN A 168 -3.82 -4.40 -1.74
C ASN A 168 -5.08 -3.76 -2.30
N VAL A 169 -5.55 -4.26 -3.46
CA VAL A 169 -6.78 -3.70 -4.09
C VAL A 169 -8.05 -4.16 -3.33
N GLY A 170 -7.92 -5.17 -2.48
CA GLY A 170 -9.06 -5.79 -1.78
C GLY A 170 -9.86 -6.75 -2.63
N PHE A 171 -10.61 -7.60 -1.94
CA PHE A 171 -11.55 -8.51 -2.63
C PHE A 171 -12.72 -7.73 -3.19
N ASN A 172 -13.48 -8.37 -4.02
CA ASN A 172 -14.68 -7.76 -4.64
C ASN A 172 -15.86 -8.77 -4.55
N TYR A 173 -16.13 -9.26 -3.36
CA TYR A 173 -17.32 -10.11 -3.14
C TYR A 173 -18.59 -9.28 -3.29
N SER A 174 -18.58 -8.00 -2.99
CA SER A 174 -19.77 -7.11 -2.95
C SER A 174 -20.16 -6.64 -4.35
N GLY A 175 -19.26 -6.70 -5.35
CA GLY A 175 -19.52 -6.02 -6.63
C GLY A 175 -19.28 -4.54 -6.57
N GLY A 176 -18.91 -3.98 -5.40
CA GLY A 176 -18.75 -2.54 -5.19
C GLY A 176 -17.28 -2.13 -5.08
N ASN A 177 -16.36 -3.06 -5.22
CA ASN A 177 -14.91 -2.79 -5.04
C ASN A 177 -14.06 -3.11 -6.26
N ALA A 178 -14.58 -3.00 -7.46
CA ALA A 178 -13.79 -3.31 -8.68
C ALA A 178 -12.79 -2.20 -9.06
N ALA A 179 -12.97 -0.99 -8.57
CA ALA A 179 -12.16 0.16 -9.03
C ALA A 179 -10.68 -0.07 -8.74
N PRO A 180 -9.80 0.52 -9.57
CA PRO A 180 -8.36 0.36 -9.38
C PRO A 180 -7.77 1.24 -8.26
N LEU A 181 -6.59 0.82 -7.78
CA LEU A 181 -5.65 1.76 -7.17
C LEU A 181 -4.83 2.41 -8.29
N LYS A 182 -4.60 3.72 -8.18
CA LYS A 182 -3.80 4.45 -9.21
C LYS A 182 -2.72 5.28 -8.54
N LEU A 183 -1.50 5.17 -9.03
CA LEU A 183 -0.41 6.09 -8.60
C LEU A 183 -0.61 7.42 -9.29
N CYS A 184 -0.75 8.48 -8.48
CA CYS A 184 -1.11 9.85 -9.00
C CYS A 184 0.14 10.53 -9.49
N PRO A 185 0.04 11.37 -10.53
CA PRO A 185 1.17 12.13 -11.03
C PRO A 185 1.69 13.13 -9.98
N LEU A 186 3.01 13.28 -10.01
CA LEU A 186 3.87 14.37 -9.45
C LEU A 186 3.39 15.73 -9.94
N1 A1BF0 B . -9.84 -15.08 -5.45
C4 A1BF0 B . -10.60 -16.27 -5.06
C5 A1BF0 B . -11.73 -15.89 -4.11
C6 A1BF0 B . -12.71 -14.93 -4.77
C7 A1BF0 B . -12.15 -14.34 -6.05
C8 A1BF0 B . -10.66 -13.99 -5.96
C1 A1BF0 B . -7.53 -12.76 -4.64
C2 A1BF0 B . -7.81 -13.73 -5.76
C3 A1BF0 B . -8.52 -14.94 -5.22
C9 A1BF0 B . -15.00 -12.37 -5.05
N2 A1BF0 B . -12.84 -13.14 -6.53
O1 A1BF0 B . -7.92 -15.73 -4.51
O2 A1BF0 B . -12.76 -11.13 -4.91
O3 A1BF0 B . -14.09 -11.05 -7.02
S1 A1BF0 B . -13.58 -11.79 -5.89
C1 EDO C . -4.62 -24.19 3.15
O1 EDO C . -4.13 -23.12 2.40
C2 EDO C . -5.91 -23.89 3.78
O2 EDO C . -6.87 -23.74 2.77
S SO4 D . 0.04 -13.83 11.92
O1 SO4 D . 0.57 -13.53 10.65
O2 SO4 D . 0.30 -15.21 12.24
O3 SO4 D . 0.66 -12.98 12.91
O4 SO4 D . -1.38 -13.58 11.97
#